data_6KN4
#
_entry.id   6KN4
#
loop_
_entity.id
_entity.type
_entity.pdbx_description
1 polymer "DNA (5'-D(*TP*TP*AP*GP*GP*GP*T)-3')"
2 non-polymer DOXORUBICIN
#
_entity_poly.entity_id   1
_entity_poly.type   'polydeoxyribonucleotide'
_entity_poly.pdbx_seq_one_letter_code
;(DT)(DT)(DA)(DG)(DG)(DG)(DT)
;
_entity_poly.pdbx_strand_id   A,B,C,D
#